data_8CSV
#
_entry.id   8CSV
#
_cell.length_a   1.00
_cell.length_b   1.00
_cell.length_c   1.00
_cell.angle_alpha   90.00
_cell.angle_beta   90.00
_cell.angle_gamma   90.00
#
_symmetry.space_group_name_H-M   'P 1'
#
loop_
_entity.id
_entity.type
_entity.pdbx_description
1 polymer Ankyrin-1
2 polymer 'Band 3 anion transport protein'
3 water water
#
loop_
_entity_poly.entity_id
_entity_poly.type
_entity_poly.pdbx_seq_one_letter_code
_entity_poly.pdbx_strand_id
1 'polypeptide(L)'
;MPYSVGFREADAATSFLRAARSGNLDKALDHLRNGVDINTCNQNGLNGLHLASKEGHVKMVVELLHKEIILETTTKKGNT
ALHIAALAGQDEVVRELVNYGANVNAQSQKGFTPLYMAAQENHLEVVKFLLENGANQNVATEDGFTPLAVALQQGHENVV
AHLINYGTKGKVRLPALHIAARNDDTRTAAVLLQNDPNPDVLSKTGFTPLHIAAHYENLNVAQLLLNRGASVNFTPQNGI
TPLHIASRRGNVIMVRLLLDRGAQIETKTKDELTPLHCAARNGHVRISEILLDHGAPIQAKTKNGLSPIHMAAQGDHLDC
VRLLLQYDAEIDDITLDHLTPLHVAAHCGHHRVAKVLLDKGAKPNSRALNGFTPLHIACKKNHVRVMELLLKTGASIDAV
TESGLTPLHVASFMGHLPIVKNLLQRGASPNVSNVKVETPLHMAARAGHTEVAKYLLQNKAKVNAKAKDDQTPLHCAARI
GHTNMVKLLLENNANPNLATTAGHTPLHIAAREGHVETVLALLEKEASQACMTKKGFTPLHVAAKYGKVRVAELLLERDA
HPNAAGKNGLTPLHVAVHHNNLDIVKLLLPRGGSPHSPAWNGYTPLHIAAKQNQVEVARSLLQYGGSANAESVQGVTPLH
LAAQEGHAEMVALLLSKQANGNLGNKSGLTPLHLVAQEGHVPVADVLIKHGVMVDATTRMGYTPLHVASHYGNIKLVKFL
LQHQADVNAKTKLGYSPLHQAAQQGHTDIVTLLLKNGASPNEVSSDGTTPLAIAKRLGYISVTDVLKVVTDETSFVLVSD
KHRMSFPETVDEILDVSEDEGEELISFKAERRDSRDVDEEKELLDFVPKLDQVVESPAIPRIPCAMPETVVIRSEEQEQA
SKEYDEDSLIPSSPATETSDNISPVASPVHTGFLVSFMVDARGGSMRGSRHNGLRVVIPPRTCAAPTRITCRLVKPQKLS
TPPPLAEEEGLASRIIALGPTGAQFLSPVIVEIPHFASHGRGDRELVVLRSENGSVWKEHRSRYGESYLDQILNGMDEEL
GSLEELEKKRVCRIITTDFPLYFVIMSRLCQDYDTIGPEGGSLKSKLVPLVQATFPENAVTKRVKLALQAQPVPDELVTK
LLGNQATFSPIVTVEPRRRKFHRPIGLRIPLPPSWTDNPRDSGEGDTTSLRLLCSVIGGTDQAQWEDITGTTKLVYANEC
ANFTTNVSARFWLSDCPRTAEAVNFATLLYKELTAVPYMAKFVIFAKMNDPREGRLRCYCMTDDKVDKTLEQHENFVEVA
RSRDIEVLEGMSLFAELSGNLVPVKKAAQQRSFHFQSFRENRLAMPVKVRDSSREPGGSLSFLRKAMKYEDTQHILCHLN
ITMPPCAKGSGAEDRRRTPTPLALRYSILSESTPGSLSGTEQAEMKMAVISEHLGLSWAELARELQFSVEDINRIRVENP
NSLLEQSVALLNLWVIREGQNANMENLYTALQSIDRGEIVNMLEGSGRQSRNLKPDRRHTDRDYSLSPSQMNGYSSLQDE
LLSPASLGCALSSPLRADQYWNEVAVLDAIPLAATEHDTMLEMSDMQVWSAGLTPSLVTAEDSSLECSKAEDSDATGHEW
KLEGALSEEPRGPELGSLELVEDDTVDSDATNGLIDLLEQEEGQRSEEKLPGSKRQDDATGAGQDSENEVSLVSGHQRGQ
ARITHSPTVSQVTERSQDRLQDWDADGSIVSYLQDAAQGSWQEEVTQGPHSFQGTSTMTEGLEPGGSQEYEKVLVSVSEH
TWTEQPEAESSQADRDRRQQGQEEQVQEAKNTFTQVVQGNEFQNIPGEQVTEEQFTDEQGNIVTKKIIRKVVRQIDLSSA
DAAQEHEEVTVEGPLEDPSELEVDIDYFMKHSKDHTSTPNP
;
A
2 'polypeptide(L)'
;MEELQDDYEDMMEENLEQEEYEDPDIPESQMEEPAAHDTEATATDYHTTSHPGTHKVYVELQELVMDEKNQELRWMEAAR
WVQLEENLGENGAWGRPHLSHLTFWSLLELRRVFTKGTVLLDLQETSLAGVANQLLDRFIFEDQIRPQDREELLRALLLK
HSHAGELEALGGVKPAVLTRSGDPSQPLLPQHSSLETQLFCEQGDGGTEGHSPSGILEKIPPDSEATLVLVGRADFLEQP
VLGFVRLQEAAELEAVELPVPIRFLFVLLGPEAPHIDYTQLGRAAATLMSERVFRIDAYMAQSRGELLHSLEGFLDCSLV
LPPTDAPSEQALLSLVPVQRELLRRRYQSSPAKPDSSFYKGLDLNGGPDDPLQQTGQLFGGLVRDIRRRYPYYLSDITDA
FSPQVLAAVIFIYFAALSPAITFGGLLGEKTRNQMGVSELLISTAVQGILFALLGAQPLLVVGFSGPLLVFEEAFFSFCE
TNGLEYIVGRVWIGFWLILLVVLVVAFEGSFLVRFISRYTQEIFSFLISLIFIYETFSKLIKIFQDHPLQKTYNYNVLMV
PKPQGPLPNTALLSLVLMAGTFFFAMMLRKFKNSSYFPGKLRRVIGDFGVPISILIMVLVDFFIQDTYTQKLSVPDGFKV
SNSSARGWVIHPLGLRSEFPIWMMFASALPALLVFILIFLESQITTLIVSKPERKMVKGSGFHLDLLLVVGMGGVAALFG
MPWLSATTVRSVTHANALTVMGKASTPGAAAQIQEVKEQRISGLLVAVLVGLSILMEPILSRIPLAVLFGIFLYMGVTSL
SGIQLFDRILLLFKPPKYHPDVPYVKRVKTWRMHLFTGIQIICLAVLWVVKSTPASLALPFVLILTVPLRRVLLPLIFRN
VELQCLDADDAKATFDEEEGRDEYDEVAMPV
;
W
#
# COMPACT_ATOMS: atom_id res chain seq x y z
N ASP A 11 33.48 5.04 -41.76
CA ASP A 11 32.38 5.53 -42.59
C ASP A 11 31.05 4.99 -42.11
N ALA A 12 31.07 3.75 -41.60
CA ALA A 12 29.86 3.16 -41.03
C ALA A 12 29.44 3.89 -39.77
N ALA A 13 30.41 4.32 -38.96
CA ALA A 13 30.08 5.08 -37.76
C ALA A 13 29.46 6.42 -38.10
N THR A 14 29.95 7.07 -39.16
CA THR A 14 29.34 8.32 -39.63
C THR A 14 27.90 8.11 -40.07
N SER A 15 27.65 7.02 -40.78
CA SER A 15 26.27 6.70 -41.20
C SER A 15 25.38 6.42 -39.99
N PHE A 16 25.93 5.72 -38.98
CA PHE A 16 25.17 5.46 -37.76
C PHE A 16 24.83 6.76 -37.04
N LEU A 17 25.79 7.68 -36.95
CA LEU A 17 25.52 8.97 -36.31
C LEU A 17 24.50 9.78 -37.09
N ARG A 18 24.57 9.74 -38.42
CA ARG A 18 23.57 10.44 -39.23
C ARG A 18 22.18 9.84 -39.06
N ALA A 19 22.10 8.51 -38.96
CA ALA A 19 20.82 7.87 -38.69
C ALA A 19 20.28 8.23 -37.31
N ALA A 20 21.17 8.32 -36.32
CA ALA A 20 20.76 8.73 -34.98
C ALA A 20 20.23 10.16 -34.98
N ARG A 21 20.90 11.05 -35.73
CA ARG A 21 20.47 12.44 -35.79
C ARG A 21 19.14 12.57 -36.53
N SER A 22 18.95 11.80 -37.60
CA SER A 22 17.76 11.91 -38.43
C SER A 22 16.59 11.06 -37.92
N GLY A 23 16.79 10.29 -36.85
CA GLY A 23 15.73 9.47 -36.33
C GLY A 23 15.46 8.19 -37.08
N ASN A 24 16.34 7.81 -38.00
CA ASN A 24 16.20 6.57 -38.77
C ASN A 24 16.63 5.42 -37.87
N LEU A 25 15.68 4.88 -37.11
CA LEU A 25 15.98 3.84 -36.13
C LEU A 25 16.40 2.54 -36.80
N ASP A 26 15.79 2.19 -37.93
CA ASP A 26 16.12 0.95 -38.61
C ASP A 26 17.57 0.93 -39.08
N LYS A 27 18.03 2.06 -39.65
CA LYS A 27 19.41 2.13 -40.12
C LYS A 27 20.40 2.06 -38.97
N ALA A 28 20.09 2.72 -37.85
CA ALA A 28 20.96 2.67 -36.68
C ALA A 28 21.02 1.26 -36.11
N LEU A 29 19.88 0.58 -36.04
CA LEU A 29 19.87 -0.80 -35.54
C LEU A 29 20.65 -1.72 -36.47
N ASP A 30 20.53 -1.52 -37.78
CA ASP A 30 21.30 -2.31 -38.74
C ASP A 30 22.79 -2.07 -38.58
N HIS A 31 23.19 -0.82 -38.37
CA HIS A 31 24.60 -0.52 -38.16
C HIS A 31 25.12 -1.14 -36.87
N LEU A 32 24.30 -1.12 -35.81
CA LEU A 32 24.70 -1.79 -34.58
C LEU A 32 24.82 -3.29 -34.77
N ARG A 33 23.93 -3.89 -35.58
CA ARG A 33 24.02 -5.31 -35.88
C ARG A 33 25.30 -5.63 -36.65
N ASN A 34 25.69 -4.75 -37.58
CA ASN A 34 26.89 -4.96 -38.37
C ASN A 34 28.16 -4.92 -37.54
N GLY A 35 28.17 -4.21 -36.42
CA GLY A 35 29.33 -4.19 -35.54
C GLY A 35 29.88 -2.81 -35.26
N VAL A 36 29.08 -1.79 -35.46
CA VAL A 36 29.47 -0.42 -35.14
C VAL A 36 29.43 -0.24 -33.63
N ASP A 37 30.49 0.36 -33.07
CA ASP A 37 30.55 0.60 -31.64
C ASP A 37 29.39 1.50 -31.21
N ILE A 38 28.73 1.09 -30.11
CA ILE A 38 27.57 1.84 -29.63
C ILE A 38 27.99 3.20 -29.08
N ASN A 39 29.18 3.29 -28.50
CA ASN A 39 29.66 4.53 -27.89
C ASN A 39 30.49 5.39 -28.85
N THR A 40 30.30 5.23 -30.15
CA THR A 40 31.02 6.08 -31.10
C THR A 40 30.42 7.49 -31.10
N CYS A 41 31.25 8.47 -31.42
CA CYS A 41 30.84 9.86 -31.37
C CYS A 41 31.54 10.65 -32.46
N ASN A 42 31.00 11.82 -32.78
CA ASN A 42 31.54 12.68 -33.82
C ASN A 42 32.71 13.49 -33.27
N GLN A 43 33.15 14.49 -34.03
CA GLN A 43 34.30 15.29 -33.63
C GLN A 43 34.00 16.17 -32.41
N ASN A 44 32.73 16.49 -32.19
CA ASN A 44 32.34 17.29 -31.04
C ASN A 44 32.07 16.46 -29.80
N GLY A 45 32.21 15.14 -29.88
CA GLY A 45 31.96 14.27 -28.76
C GLY A 45 30.53 13.82 -28.61
N LEU A 46 29.62 14.26 -29.48
CA LEU A 46 28.22 13.85 -29.41
C LEU A 46 28.08 12.44 -29.97
N ASN A 47 27.66 11.50 -29.12
CA ASN A 47 27.41 10.14 -29.56
C ASN A 47 26.01 10.04 -30.13
N GLY A 48 25.54 8.82 -30.36
CA GLY A 48 24.19 8.63 -30.87
C GLY A 48 23.13 9.09 -29.88
N LEU A 49 23.38 8.88 -28.59
CA LEU A 49 22.42 9.32 -27.57
C LEU A 49 22.28 10.83 -27.56
N HIS A 50 23.39 11.55 -27.68
CA HIS A 50 23.36 13.01 -27.70
C HIS A 50 22.58 13.53 -28.91
N LEU A 51 22.89 12.98 -30.09
CA LEU A 51 22.22 13.42 -31.31
C LEU A 51 20.74 13.08 -31.29
N ALA A 52 20.38 11.92 -30.74
CA ALA A 52 18.97 11.57 -30.60
C ALA A 52 18.26 12.47 -29.60
N SER A 53 18.95 12.85 -28.52
CA SER A 53 18.34 13.72 -27.52
C SER A 53 18.15 15.13 -28.04
N LYS A 54 19.05 15.61 -28.90
CA LYS A 54 18.90 16.96 -29.43
C LYS A 54 17.67 17.09 -30.34
N GLU A 55 17.34 16.03 -31.07
CA GLU A 55 16.28 16.08 -32.07
C GLU A 55 14.96 15.50 -31.59
N GLY A 56 14.87 15.15 -30.31
CA GLY A 56 13.60 14.68 -29.76
C GLY A 56 13.17 13.30 -30.19
N HIS A 57 14.11 12.45 -30.60
CA HIS A 57 13.80 11.09 -31.04
C HIS A 57 13.79 10.19 -29.82
N VAL A 58 12.61 10.04 -29.22
CA VAL A 58 12.50 9.29 -27.97
C VAL A 58 12.74 7.80 -28.20
N LYS A 59 12.19 7.25 -29.28
CA LYS A 59 12.35 5.82 -29.56
C LYS A 59 13.82 5.48 -29.80
N MET A 60 14.54 6.35 -30.50
CA MET A 60 15.97 6.14 -30.69
C MET A 60 16.71 6.16 -29.36
N VAL A 61 16.33 7.09 -28.47
CA VAL A 61 16.97 7.16 -27.15
C VAL A 61 16.74 5.87 -26.38
N VAL A 62 15.49 5.38 -26.39
CA VAL A 62 15.18 4.14 -25.67
C VAL A 62 15.94 2.96 -26.25
N GLU A 63 15.99 2.86 -27.58
CA GLU A 63 16.71 1.76 -28.22
C GLU A 63 18.19 1.79 -27.90
N LEU A 64 18.80 2.98 -27.94
CA LEU A 64 20.23 3.08 -27.65
C LEU A 64 20.51 2.80 -26.18
N LEU A 65 19.61 3.21 -25.29
CA LEU A 65 19.77 2.89 -23.87
C LEU A 65 19.66 1.38 -23.63
N HIS A 66 18.80 0.71 -24.40
CA HIS A 66 18.72 -0.75 -24.31
C HIS A 66 19.97 -1.43 -24.84
N LYS A 67 20.77 -0.75 -25.67
CA LYS A 67 22.00 -1.31 -26.22
C LYS A 67 23.21 -1.05 -25.34
N GLU A 68 22.99 -0.80 -24.04
CA GLU A 68 24.06 -0.58 -23.07
C GLU A 68 24.98 0.58 -23.46
N ILE A 69 24.39 1.65 -24.00
CA ILE A 69 25.16 2.86 -24.24
C ILE A 69 25.42 3.55 -22.91
N ILE A 70 26.56 4.23 -22.82
CA ILE A 70 26.97 4.87 -21.58
C ILE A 70 26.13 6.13 -21.40
N LEU A 71 25.27 6.13 -20.37
CA LEU A 71 24.32 7.21 -20.18
C LEU A 71 25.00 8.51 -19.78
N GLU A 72 26.06 8.43 -18.97
CA GLU A 72 26.73 9.61 -18.44
C GLU A 72 27.90 10.06 -19.29
N THR A 73 27.87 9.78 -20.59
CA THR A 73 28.91 10.28 -21.49
C THR A 73 28.78 11.79 -21.64
N THR A 74 29.92 12.48 -21.66
CA THR A 74 29.97 13.92 -21.80
C THR A 74 30.60 14.30 -23.13
N THR A 75 30.13 15.41 -23.70
CA THR A 75 30.67 15.91 -24.96
C THR A 75 31.95 16.70 -24.67
N LYS A 76 32.47 17.41 -25.67
CA LYS A 76 33.64 18.25 -25.47
C LYS A 76 33.32 19.50 -24.66
N LYS A 77 32.05 19.87 -24.52
CA LYS A 77 31.65 20.95 -23.64
C LYS A 77 31.25 20.45 -22.25
N GLY A 78 31.39 19.16 -21.98
CA GLY A 78 31.01 18.60 -20.70
C GLY A 78 29.54 18.29 -20.55
N ASN A 79 28.76 18.42 -21.62
CA ASN A 79 27.33 18.21 -21.54
C ASN A 79 26.99 16.72 -21.64
N THR A 80 26.09 16.27 -20.78
CA THR A 80 25.54 14.93 -20.90
C THR A 80 24.36 14.96 -21.89
N ALA A 81 23.72 13.81 -22.06
CA ALA A 81 22.52 13.78 -22.90
C ALA A 81 21.39 14.58 -22.27
N LEU A 82 21.31 14.56 -20.94
CA LEU A 82 20.28 15.32 -20.24
C LEU A 82 20.49 16.83 -20.42
N HIS A 83 21.75 17.28 -20.41
CA HIS A 83 22.05 18.68 -20.69
C HIS A 83 21.56 19.07 -22.07
N ILE A 84 21.84 18.24 -23.08
CA ILE A 84 21.46 18.55 -24.45
C ILE A 84 19.96 18.54 -24.61
N ALA A 85 19.27 17.57 -23.99
CA ALA A 85 17.82 17.52 -24.08
C ALA A 85 17.16 18.70 -23.36
N ALA A 86 17.75 19.15 -22.25
CA ALA A 86 17.20 20.31 -21.56
C ALA A 86 17.43 21.59 -22.35
N LEU A 87 18.62 21.75 -22.95
CA LEU A 87 18.89 22.93 -23.74
C LEU A 87 18.06 22.96 -25.02
N ALA A 88 17.78 21.78 -25.59
CA ALA A 88 16.99 21.70 -26.81
C ALA A 88 15.49 21.76 -26.55
N GLY A 89 15.06 21.66 -25.30
CA GLY A 89 13.64 21.77 -24.99
C GLY A 89 12.83 20.54 -25.29
N GLN A 90 13.42 19.35 -25.20
CA GLN A 90 12.72 18.10 -25.50
C GLN A 90 12.24 17.50 -24.19
N ASP A 91 10.98 17.76 -23.86
CA ASP A 91 10.42 17.31 -22.58
C ASP A 91 10.32 15.79 -22.52
N GLU A 92 9.91 15.15 -23.62
CA GLU A 92 9.77 13.70 -23.63
C GLU A 92 11.13 13.02 -23.46
N VAL A 93 12.16 13.55 -24.12
CA VAL A 93 13.50 12.98 -24.00
C VAL A 93 14.04 13.20 -22.59
N VAL A 94 13.74 14.35 -21.99
CA VAL A 94 14.16 14.61 -20.62
C VAL A 94 13.50 13.61 -19.66
N ARG A 95 12.21 13.38 -19.84
CA ARG A 95 11.51 12.39 -19.01
C ARG A 95 12.10 11.00 -19.20
N GLU A 96 12.37 10.62 -20.45
CA GLU A 96 12.91 9.29 -20.72
C GLU A 96 14.30 9.12 -20.12
N LEU A 97 15.15 10.15 -20.22
CA LEU A 97 16.49 10.06 -19.65
C LEU A 97 16.44 10.01 -18.13
N VAL A 98 15.54 10.78 -17.51
CA VAL A 98 15.41 10.75 -16.06
C VAL A 98 14.90 9.38 -15.59
N ASN A 99 13.96 8.80 -16.34
CA ASN A 99 13.43 7.50 -15.95
C ASN A 99 14.47 6.40 -16.04
N TYR A 100 15.49 6.59 -16.88
CA TYR A 100 16.56 5.61 -17.03
C TYR A 100 17.77 5.89 -16.16
N GLY A 101 17.71 6.91 -15.31
CA GLY A 101 18.74 7.15 -14.32
C GLY A 101 19.72 8.25 -14.62
N ALA A 102 19.35 9.23 -15.43
CA ALA A 102 20.24 10.35 -15.72
C ALA A 102 20.41 11.22 -14.47
N ASN A 103 21.64 11.67 -14.23
CA ASN A 103 21.92 12.56 -13.11
C ASN A 103 21.39 13.95 -13.42
N VAL A 104 20.37 14.39 -12.67
CA VAL A 104 19.76 15.68 -12.94
C VAL A 104 20.61 16.82 -12.41
N ASN A 105 21.59 16.50 -11.56
CA ASN A 105 22.46 17.51 -10.98
C ASN A 105 23.85 17.52 -11.60
N ALA A 106 24.03 16.91 -12.77
CA ALA A 106 25.33 16.91 -13.43
C ALA A 106 25.69 18.32 -13.89
N GLN A 107 26.97 18.65 -13.78
CA GLN A 107 27.50 19.96 -14.18
C GLN A 107 28.42 19.80 -15.37
N SER A 108 28.37 20.78 -16.27
CA SER A 108 29.21 20.79 -17.46
C SER A 108 30.56 21.44 -17.11
N GLN A 109 31.35 21.73 -18.14
CA GLN A 109 32.69 22.30 -17.93
C GLN A 109 32.60 23.68 -17.27
N LYS A 110 31.68 24.52 -17.74
CA LYS A 110 31.50 25.85 -17.17
C LYS A 110 30.51 25.87 -16.01
N GLY A 111 30.02 24.71 -15.58
CA GLY A 111 29.18 24.62 -14.41
C GLY A 111 27.68 24.60 -14.65
N PHE A 112 27.25 24.53 -15.91
CA PHE A 112 25.83 24.52 -16.20
C PHE A 112 25.20 23.18 -15.83
N THR A 113 23.96 23.24 -15.38
CA THR A 113 23.16 22.09 -15.02
C THR A 113 21.97 22.01 -15.97
N PRO A 114 21.34 20.85 -16.11
CA PRO A 114 20.15 20.77 -16.96
C PRO A 114 19.05 21.73 -16.54
N LEU A 115 18.89 21.97 -15.23
CA LEU A 115 17.92 22.95 -14.77
C LEU A 115 18.28 24.35 -15.25
N TYR A 116 19.57 24.70 -15.22
CA TYR A 116 20.00 26.00 -15.72
C TYR A 116 19.72 26.13 -17.22
N MET A 117 20.03 25.09 -17.99
CA MET A 117 19.82 25.14 -19.43
C MET A 117 18.34 25.23 -19.78
N ALA A 118 17.47 24.56 -19.01
CA ALA A 118 16.05 24.69 -19.24
C ALA A 118 15.54 26.06 -18.82
N ALA A 119 16.09 26.63 -17.74
CA ALA A 119 15.61 27.92 -17.25
C ALA A 119 16.03 29.05 -18.17
N GLN A 120 17.22 28.96 -18.78
CA GLN A 120 17.69 30.04 -19.64
C GLN A 120 16.98 30.05 -20.99
N GLU A 121 16.32 28.95 -21.38
CA GLU A 121 15.66 28.85 -22.66
C GLU A 121 14.14 28.85 -22.53
N ASN A 122 13.62 29.23 -21.36
CA ASN A 122 12.19 29.34 -21.10
C ASN A 122 11.46 28.01 -21.33
N HIS A 123 12.10 26.90 -20.97
CA HIS A 123 11.49 25.59 -21.08
C HIS A 123 10.83 25.24 -19.74
N LEU A 124 9.59 25.72 -19.59
CA LEU A 124 8.92 25.65 -18.30
C LEU A 124 8.60 24.22 -17.91
N GLU A 125 8.16 23.39 -18.86
CA GLU A 125 7.83 22.00 -18.55
C GLU A 125 9.06 21.22 -18.12
N VAL A 126 10.19 21.45 -18.80
CA VAL A 126 11.43 20.79 -18.40
C VAL A 126 11.87 21.24 -17.02
N VAL A 127 11.71 22.54 -16.72
CA VAL A 127 12.05 23.06 -15.39
C VAL A 127 11.18 22.39 -14.34
N LYS A 128 9.88 22.29 -14.58
CA LYS A 128 8.97 21.67 -13.63
C LYS A 128 9.33 20.20 -13.40
N PHE A 129 9.61 19.46 -14.48
CA PHE A 129 9.95 18.05 -14.33
C PHE A 129 11.27 17.87 -13.59
N LEU A 130 12.27 18.69 -13.89
CA LEU A 130 13.56 18.57 -13.22
C LEU A 130 13.45 18.92 -11.74
N LEU A 131 12.69 19.97 -11.42
CA LEU A 131 12.49 20.32 -10.01
C LEU A 131 11.74 19.22 -9.27
N GLU A 132 10.75 18.62 -9.92
CA GLU A 132 10.03 17.51 -9.29
C GLU A 132 10.92 16.30 -9.11
N ASN A 133 11.97 16.18 -9.92
CA ASN A 133 12.86 15.02 -9.86
C ASN A 133 14.13 15.27 -9.05
N GLY A 134 14.22 16.40 -8.34
CA GLY A 134 15.30 16.63 -7.41
C GLY A 134 16.41 17.55 -7.89
N ALA A 135 16.23 18.27 -9.00
CA ALA A 135 17.25 19.20 -9.46
C ALA A 135 17.43 20.34 -8.48
N ASN A 136 18.67 20.61 -8.11
CA ASN A 136 19.02 21.62 -7.12
C ASN A 136 19.27 22.93 -7.83
N GLN A 137 18.41 23.92 -7.61
CA GLN A 137 18.58 25.23 -8.23
C GLN A 137 19.66 26.05 -7.54
N ASN A 138 20.18 25.61 -6.40
CA ASN A 138 21.25 26.31 -5.71
C ASN A 138 22.63 26.03 -6.31
N VAL A 139 22.72 25.10 -7.26
CA VAL A 139 23.98 24.80 -7.92
C VAL A 139 24.30 25.93 -8.88
N ALA A 140 25.44 26.58 -8.67
CA ALA A 140 25.83 27.74 -9.45
C ALA A 140 26.94 27.36 -10.43
N THR A 141 27.08 28.16 -11.48
CA THR A 141 28.11 27.98 -12.47
C THR A 141 29.43 28.53 -11.94
N GLU A 142 30.47 28.52 -12.79
CA GLU A 142 31.75 29.09 -12.41
C GLU A 142 31.68 30.61 -12.26
N ASP A 143 30.69 31.26 -12.87
CA ASP A 143 30.50 32.69 -12.75
C ASP A 143 29.53 33.07 -11.64
N GLY A 144 29.04 32.10 -10.89
CA GLY A 144 28.17 32.38 -9.76
C GLY A 144 26.71 32.53 -10.08
N PHE A 145 26.32 32.40 -11.35
CA PHE A 145 24.92 32.51 -11.73
C PHE A 145 24.16 31.24 -11.39
N THR A 146 22.87 31.40 -11.12
CA THR A 146 21.95 30.34 -10.78
C THR A 146 20.84 30.28 -11.83
N PRO A 147 20.08 29.18 -11.90
CA PRO A 147 18.93 29.16 -12.81
C PRO A 147 17.95 30.29 -12.57
N LEU A 148 17.73 30.65 -11.31
CA LEU A 148 16.88 31.80 -11.01
C LEU A 148 17.49 33.09 -11.56
N ALA A 149 18.81 33.25 -11.41
CA ALA A 149 19.46 34.47 -11.88
C ALA A 149 19.38 34.60 -13.40
N VAL A 150 19.65 33.52 -14.13
CA VAL A 150 19.61 33.61 -15.59
C VAL A 150 18.18 33.73 -16.09
N ALA A 151 17.22 33.11 -15.40
CA ALA A 151 15.82 33.27 -15.78
C ALA A 151 15.35 34.71 -15.56
N LEU A 152 15.81 35.34 -14.47
CA LEU A 152 15.53 36.76 -14.25
C LEU A 152 16.20 37.62 -15.32
N GLN A 153 17.45 37.28 -15.68
CA GLN A 153 18.18 38.06 -16.67
C GLN A 153 17.50 38.00 -18.05
N GLN A 154 17.00 36.83 -18.43
CA GLN A 154 16.40 36.67 -19.74
C GLN A 154 14.92 37.03 -19.80
N GLY A 155 14.33 37.46 -18.69
CA GLY A 155 12.95 37.87 -18.71
C GLY A 155 11.94 36.74 -18.79
N HIS A 156 12.33 35.53 -18.41
CA HIS A 156 11.43 34.39 -18.40
C HIS A 156 10.62 34.42 -17.11
N GLU A 157 9.48 35.12 -17.17
CA GLU A 157 8.70 35.42 -15.96
C GLU A 157 8.12 34.15 -15.36
N ASN A 158 7.61 33.24 -16.20
CA ASN A 158 7.01 32.01 -15.68
C ASN A 158 8.06 31.11 -15.03
N VAL A 159 9.26 31.02 -15.63
CA VAL A 159 10.32 30.24 -15.03
C VAL A 159 10.73 30.82 -13.68
N VAL A 160 10.84 32.15 -13.60
CA VAL A 160 11.16 32.81 -12.34
C VAL A 160 10.09 32.51 -11.30
N ALA A 161 8.82 32.61 -11.68
CA ALA A 161 7.73 32.35 -10.75
C ALA A 161 7.77 30.92 -10.22
N HIS A 162 7.99 29.96 -11.13
CA HIS A 162 8.00 28.56 -10.70
C HIS A 162 9.21 28.25 -9.84
N LEU A 163 10.37 28.82 -10.17
CA LEU A 163 11.56 28.61 -9.36
C LEU A 163 11.40 29.20 -7.96
N ILE A 164 10.77 30.37 -7.86
CA ILE A 164 10.56 30.99 -6.56
C ILE A 164 9.55 30.19 -5.75
N ASN A 165 8.44 29.77 -6.38
CA ASN A 165 7.40 29.05 -5.65
C ASN A 165 7.88 27.67 -5.21
N TYR A 166 8.61 26.96 -6.07
CA TYR A 166 9.06 25.61 -5.71
C TYR A 166 10.10 25.66 -4.61
N GLY A 167 11.12 26.52 -4.77
CA GLY A 167 12.16 26.67 -3.76
C GLY A 167 12.96 25.41 -3.53
N THR A 168 12.78 24.80 -2.35
CA THR A 168 13.48 23.58 -1.96
C THR A 168 12.49 22.52 -1.52
N LYS A 169 11.43 22.33 -2.32
CA LYS A 169 10.44 21.31 -2.02
C LYS A 169 11.04 19.90 -2.13
N GLY A 170 12.07 19.74 -2.95
CA GLY A 170 12.80 18.50 -3.01
C GLY A 170 12.18 17.47 -3.94
N LYS A 171 12.76 16.27 -3.88
CA LYS A 171 12.34 15.15 -4.70
C LYS A 171 10.95 14.67 -4.26
N VAL A 172 9.94 14.96 -5.08
CA VAL A 172 8.58 14.53 -4.77
C VAL A 172 8.25 13.30 -5.63
N ARG A 173 9.04 13.08 -6.67
CA ARG A 173 8.87 11.89 -7.50
C ARG A 173 9.47 10.66 -6.80
N LEU A 174 8.99 9.49 -7.20
CA LEU A 174 9.59 8.25 -6.73
C LEU A 174 10.96 8.06 -7.38
N PRO A 175 11.83 7.26 -6.76
CA PRO A 175 13.05 6.84 -7.46
C PRO A 175 12.70 6.05 -8.71
N ALA A 176 13.57 6.13 -9.71
CA ALA A 176 13.28 5.55 -11.02
C ALA A 176 13.07 4.04 -10.94
N LEU A 177 13.77 3.38 -10.02
CA LEU A 177 13.60 1.93 -9.88
C LEU A 177 12.20 1.60 -9.35
N HIS A 178 11.66 2.44 -8.47
CA HIS A 178 10.28 2.25 -8.01
C HIS A 178 9.28 2.41 -9.14
N ILE A 179 9.52 3.37 -10.04
CA ILE A 179 8.63 3.57 -11.18
C ILE A 179 8.73 2.39 -12.14
N ALA A 180 9.94 1.86 -12.33
CA ALA A 180 10.11 0.68 -13.18
C ALA A 180 9.42 -0.54 -12.57
N ALA A 181 9.49 -0.69 -11.25
CA ALA A 181 8.83 -1.81 -10.59
C ALA A 181 7.32 -1.68 -10.62
N ARG A 182 6.81 -0.44 -10.57
CA ARG A 182 5.36 -0.24 -10.65
C ARG A 182 4.82 -0.63 -12.02
N ASN A 183 5.59 -0.36 -13.07
CA ASN A 183 5.15 -0.64 -14.44
C ASN A 183 5.64 -1.99 -14.96
N ASP A 184 6.34 -2.77 -14.13
CA ASP A 184 6.91 -4.06 -14.53
C ASP A 184 7.86 -3.91 -15.72
N ASP A 185 8.56 -2.78 -15.79
CA ASP A 185 9.42 -2.47 -16.93
C ASP A 185 10.78 -3.11 -16.69
N THR A 186 11.00 -4.28 -17.30
CA THR A 186 12.24 -5.02 -17.07
C THR A 186 13.43 -4.38 -17.79
N ARG A 187 13.21 -3.77 -18.94
CA ARG A 187 14.31 -3.12 -19.65
C ARG A 187 14.83 -1.90 -18.89
N THR A 188 13.90 -1.04 -18.45
CA THR A 188 14.30 0.13 -17.68
C THR A 188 14.95 -0.28 -16.36
N ALA A 189 14.40 -1.30 -15.70
CA ALA A 189 14.98 -1.77 -14.45
C ALA A 189 16.38 -2.36 -14.68
N ALA A 190 16.56 -3.07 -15.79
CA ALA A 190 17.88 -3.63 -16.10
C ALA A 190 18.89 -2.53 -16.34
N VAL A 191 18.50 -1.49 -17.08
CA VAL A 191 19.42 -0.36 -17.31
C VAL A 191 19.75 0.34 -16.00
N LEU A 192 18.74 0.56 -15.14
CA LEU A 192 18.95 1.21 -13.86
C LEU A 192 19.89 0.41 -12.97
N LEU A 193 19.70 -0.92 -12.93
CA LEU A 193 20.55 -1.76 -12.10
C LEU A 193 21.95 -1.91 -12.68
N GLN A 194 22.08 -1.78 -14.01
CA GLN A 194 23.41 -1.69 -14.60
C GLN A 194 24.12 -0.42 -14.17
N ASN A 195 23.41 0.70 -14.15
CA ASN A 195 24.00 1.97 -13.70
C ASN A 195 24.24 1.95 -12.20
N ASP A 196 23.16 1.79 -11.41
CA ASP A 196 23.27 1.74 -9.96
C ASP A 196 23.09 0.31 -9.51
N PRO A 197 24.14 -0.35 -8.99
CA PRO A 197 24.02 -1.77 -8.63
C PRO A 197 23.05 -2.05 -7.49
N ASN A 198 22.74 -1.07 -6.66
CA ASN A 198 21.92 -1.31 -5.47
C ASN A 198 20.46 -1.47 -5.86
N PRO A 199 19.82 -2.62 -5.58
CA PRO A 199 18.40 -2.79 -5.87
C PRO A 199 17.48 -2.36 -4.75
N ASP A 200 18.02 -2.03 -3.57
CA ASP A 200 17.23 -1.66 -2.40
C ASP A 200 17.21 -0.16 -2.16
N VAL A 201 17.13 0.63 -3.22
CA VAL A 201 17.01 2.08 -3.07
C VAL A 201 15.71 2.39 -2.35
N LEU A 202 15.75 3.37 -1.45
CA LEU A 202 14.64 3.67 -0.57
C LEU A 202 13.89 4.90 -1.07
N SER A 203 12.57 4.85 -0.98
CA SER A 203 11.74 6.01 -1.24
C SER A 203 11.65 6.86 0.02
N LYS A 204 10.93 7.97 -0.06
CA LYS A 204 10.74 8.82 1.11
C LYS A 204 9.91 8.11 2.17
N THR A 205 9.02 7.21 1.77
CA THR A 205 8.25 6.42 2.71
C THR A 205 9.07 5.30 3.36
N GLY A 206 10.13 4.84 2.69
CA GLY A 206 11.00 3.82 3.24
C GLY A 206 10.90 2.46 2.60
N PHE A 207 10.15 2.31 1.51
CA PHE A 207 9.94 1.02 0.87
C PHE A 207 10.88 0.83 -0.31
N THR A 208 11.34 -0.41 -0.47
CA THR A 208 12.18 -0.80 -1.59
C THR A 208 11.33 -1.05 -2.84
N PRO A 209 11.95 -1.08 -4.02
CA PRO A 209 11.18 -1.45 -5.22
C PRO A 209 10.60 -2.85 -5.17
N LEU A 210 11.17 -3.75 -4.36
CA LEU A 210 10.56 -5.07 -4.17
C LEU A 210 9.20 -4.95 -3.52
N HIS A 211 9.02 -4.00 -2.61
CA HIS A 211 7.71 -3.75 -2.03
C HIS A 211 6.70 -3.34 -3.11
N ILE A 212 7.12 -2.46 -4.02
CA ILE A 212 6.24 -2.03 -5.10
C ILE A 212 5.90 -3.19 -6.02
N ALA A 213 6.89 -4.01 -6.34
CA ALA A 213 6.65 -5.17 -7.20
C ALA A 213 5.69 -6.15 -6.54
N ALA A 214 5.85 -6.37 -5.23
CA ALA A 214 4.94 -7.27 -4.52
C ALA A 214 3.54 -6.70 -4.40
N HIS A 215 3.43 -5.37 -4.38
CA HIS A 215 2.10 -4.74 -4.29
C HIS A 215 1.29 -4.97 -5.56
N TYR A 216 1.92 -4.83 -6.73
CA TYR A 216 1.24 -4.97 -8.01
C TYR A 216 1.41 -6.36 -8.61
N GLU A 217 2.10 -7.27 -7.92
CA GLU A 217 2.38 -8.62 -8.40
C GLU A 217 3.07 -8.58 -9.77
N ASN A 218 4.05 -7.69 -9.89
CA ASN A 218 4.87 -7.60 -11.10
C ASN A 218 5.99 -8.63 -10.96
N LEU A 219 5.71 -9.85 -11.41
CA LEU A 219 6.60 -10.98 -11.13
C LEU A 219 7.93 -10.85 -11.85
N ASN A 220 7.93 -10.32 -13.08
CA ASN A 220 9.15 -10.24 -13.86
C ASN A 220 10.17 -9.32 -13.20
N VAL A 221 9.75 -8.10 -12.85
CA VAL A 221 10.68 -7.16 -12.23
C VAL A 221 11.03 -7.62 -10.81
N ALA A 222 10.13 -8.32 -10.14
CA ALA A 222 10.46 -8.85 -8.81
C ALA A 222 11.54 -9.92 -8.89
N GLN A 223 11.45 -10.81 -9.88
CA GLN A 223 12.51 -11.80 -10.09
C GLN A 223 13.80 -11.13 -10.51
N LEU A 224 13.72 -10.09 -11.34
CA LEU A 224 14.92 -9.35 -11.72
C LEU A 224 15.60 -8.73 -10.51
N LEU A 225 14.82 -8.10 -9.63
CA LEU A 225 15.39 -7.49 -8.44
C LEU A 225 15.97 -8.53 -7.49
N LEU A 226 15.27 -9.66 -7.31
CA LEU A 226 15.77 -10.69 -6.41
C LEU A 226 17.04 -11.35 -6.97
N ASN A 227 17.17 -11.46 -8.29
CA ASN A 227 18.37 -12.02 -8.87
C ASN A 227 19.56 -11.06 -8.77
N ARG A 228 19.31 -9.76 -8.63
CA ARG A 228 20.38 -8.79 -8.51
C ARG A 228 20.82 -8.56 -7.06
N GLY A 229 20.08 -9.09 -6.09
CA GLY A 229 20.50 -9.00 -4.71
C GLY A 229 19.57 -8.22 -3.80
N ALA A 230 18.30 -8.11 -4.18
CA ALA A 230 17.34 -7.43 -3.33
C ALA A 230 17.07 -8.26 -2.08
N SER A 231 16.79 -7.56 -0.98
CA SER A 231 16.49 -8.22 0.28
C SER A 231 15.03 -8.66 0.30
N VAL A 232 14.79 -9.97 0.36
CA VAL A 232 13.44 -10.49 0.39
C VAL A 232 12.78 -10.25 1.73
N ASN A 233 13.56 -9.99 2.78
CA ASN A 233 13.02 -9.69 4.10
C ASN A 233 13.46 -8.31 4.55
N PHE A 234 13.41 -7.33 3.66
CA PHE A 234 13.76 -5.95 4.00
C PHE A 234 12.67 -5.38 4.90
N THR A 235 13.04 -5.06 6.13
CA THR A 235 12.10 -4.58 7.13
C THR A 235 12.27 -3.09 7.34
N PRO A 236 11.32 -2.27 6.90
CA PRO A 236 11.38 -0.83 7.21
C PRO A 236 11.05 -0.56 8.67
N GLN A 237 10.90 0.72 9.02
CA GLN A 237 10.58 1.09 10.39
C GLN A 237 9.21 0.56 10.80
N ASN A 238 8.25 0.52 9.88
CA ASN A 238 6.92 0.03 10.19
C ASN A 238 6.82 -1.49 10.22
N GLY A 239 7.87 -2.20 9.82
CA GLY A 239 7.88 -3.65 9.87
C GLY A 239 7.17 -4.34 8.73
N ILE A 240 6.79 -3.62 7.68
CA ILE A 240 6.02 -4.18 6.58
C ILE A 240 6.99 -4.77 5.56
N THR A 241 7.07 -6.11 5.54
CA THR A 241 7.91 -6.82 4.59
C THR A 241 7.18 -6.99 3.25
N PRO A 242 7.90 -7.30 2.18
CA PRO A 242 7.21 -7.63 0.92
C PRO A 242 6.26 -8.81 1.03
N LEU A 243 6.57 -9.78 1.89
CA LEU A 243 5.66 -10.88 2.13
C LEU A 243 4.35 -10.37 2.75
N HIS A 244 4.44 -9.41 3.67
CA HIS A 244 3.23 -8.80 4.23
C HIS A 244 2.37 -8.16 3.15
N ILE A 245 3.00 -7.40 2.25
CA ILE A 245 2.25 -6.73 1.19
C ILE A 245 1.60 -7.74 0.26
N ALA A 246 2.35 -8.77 -0.12
CA ALA A 246 1.82 -9.79 -1.01
C ALA A 246 0.67 -10.55 -0.37
N SER A 247 0.78 -10.85 0.93
CA SER A 247 -0.31 -11.53 1.63
C SER A 247 -1.54 -10.65 1.74
N ARG A 248 -1.34 -9.36 2.02
CA ARG A 248 -2.48 -8.46 2.17
C ARG A 248 -3.17 -8.22 0.84
N ARG A 249 -2.42 -8.13 -0.25
CA ARG A 249 -2.97 -7.79 -1.55
C ARG A 249 -3.64 -8.98 -2.25
N GLY A 250 -3.41 -10.20 -1.77
CA GLY A 250 -3.97 -11.37 -2.42
C GLY A 250 -3.13 -11.94 -3.54
N ASN A 251 -1.86 -11.55 -3.65
CA ASN A 251 -0.99 -11.98 -4.73
C ASN A 251 -0.42 -13.34 -4.37
N VAL A 252 -1.10 -14.40 -4.83
CA VAL A 252 -0.71 -15.77 -4.50
C VAL A 252 0.64 -16.10 -5.12
N ILE A 253 0.82 -15.78 -6.39
CA ILE A 253 2.06 -16.14 -7.08
C ILE A 253 3.24 -15.37 -6.51
N MET A 254 3.01 -14.09 -6.15
CA MET A 254 4.05 -13.31 -5.49
C MET A 254 4.40 -13.89 -4.13
N VAL A 255 3.39 -14.36 -3.37
CA VAL A 255 3.66 -15.00 -2.08
C VAL A 255 4.52 -16.25 -2.27
N ARG A 256 4.18 -17.07 -3.27
CA ARG A 256 4.97 -18.26 -3.54
C ARG A 256 6.40 -17.91 -3.95
N LEU A 257 6.57 -16.88 -4.79
CA LEU A 257 7.90 -16.45 -5.20
C LEU A 257 8.72 -15.96 -4.01
N LEU A 258 8.11 -15.16 -3.14
CA LEU A 258 8.84 -14.64 -1.99
C LEU A 258 9.20 -15.74 -1.01
N LEU A 259 8.30 -16.71 -0.79
CA LEU A 259 8.61 -17.83 0.07
C LEU A 259 9.70 -18.72 -0.53
N ASP A 260 9.74 -18.85 -1.86
CA ASP A 260 10.80 -19.61 -2.49
C ASP A 260 12.16 -18.97 -2.30
N ARG A 261 12.22 -17.64 -2.35
CA ARG A 261 13.50 -16.92 -2.25
C ARG A 261 13.96 -16.72 -0.81
N GLY A 262 13.16 -17.10 0.18
CA GLY A 262 13.63 -17.10 1.56
C GLY A 262 12.98 -16.08 2.47
N ALA A 263 11.73 -15.71 2.20
CA ALA A 263 11.03 -14.76 3.04
C ALA A 263 10.72 -15.37 4.40
N GLN A 264 10.92 -14.59 5.46
CA GLN A 264 10.62 -15.02 6.80
C GLN A 264 9.11 -14.93 7.04
N ILE A 265 8.53 -15.99 7.59
CA ILE A 265 7.09 -16.09 7.71
C ILE A 265 6.57 -15.63 9.07
N GLU A 266 7.43 -15.51 10.07
CA GLU A 266 7.03 -15.12 11.41
C GLU A 266 7.35 -13.67 11.72
N THR A 267 7.64 -12.87 10.69
CA THR A 267 7.94 -11.46 10.87
C THR A 267 6.70 -10.69 11.33
N LYS A 268 6.90 -9.78 12.28
CA LYS A 268 5.84 -8.96 12.82
C LYS A 268 6.05 -7.50 12.42
N THR A 269 4.96 -6.80 12.16
CA THR A 269 5.02 -5.36 11.88
C THR A 269 5.12 -4.61 13.19
N LYS A 270 4.96 -3.28 13.14
CA LYS A 270 4.95 -2.49 14.36
C LYS A 270 3.71 -2.75 15.20
N ASP A 271 2.63 -3.23 14.59
CA ASP A 271 1.43 -3.66 15.29
C ASP A 271 1.42 -5.18 15.52
N GLU A 272 2.56 -5.84 15.29
CA GLU A 272 2.71 -7.28 15.47
C GLU A 272 1.73 -8.08 14.62
N LEU A 273 1.51 -7.65 13.38
CA LEU A 273 0.71 -8.40 12.43
C LEU A 273 1.62 -9.29 11.60
N THR A 274 1.38 -10.60 11.65
CA THR A 274 2.06 -11.56 10.80
C THR A 274 1.42 -11.55 9.42
N PRO A 275 2.11 -12.09 8.40
CA PRO A 275 1.47 -12.21 7.08
C PRO A 275 0.20 -13.05 7.11
N LEU A 276 0.09 -14.00 8.04
CA LEU A 276 -1.15 -14.74 8.20
C LEU A 276 -2.28 -13.82 8.62
N HIS A 277 -2.01 -12.85 9.50
CA HIS A 277 -3.02 -11.86 9.86
C HIS A 277 -3.47 -11.06 8.64
N CYS A 278 -2.52 -10.62 7.81
CA CYS A 278 -2.86 -9.82 6.64
C CYS A 278 -3.68 -10.63 5.64
N ALA A 279 -3.34 -11.91 5.46
CA ALA A 279 -4.12 -12.76 4.56
C ALA A 279 -5.51 -13.05 5.13
N ALA A 280 -5.60 -13.26 6.44
CA ALA A 280 -6.88 -13.64 7.04
C ALA A 280 -7.85 -12.47 7.10
N ARG A 281 -7.34 -11.26 7.38
CA ARG A 281 -8.23 -10.11 7.47
C ARG A 281 -8.79 -9.69 6.12
N ASN A 282 -8.16 -10.12 5.02
CA ASN A 282 -8.64 -9.80 3.68
C ASN A 282 -9.33 -10.97 2.99
N GLY A 283 -9.37 -12.15 3.62
CA GLY A 283 -10.10 -13.26 3.08
C GLY A 283 -9.40 -14.06 2.01
N HIS A 284 -8.08 -14.02 1.98
CA HIS A 284 -7.29 -14.76 0.97
C HIS A 284 -7.06 -16.16 1.51
N VAL A 285 -7.89 -17.10 1.08
CA VAL A 285 -7.83 -18.46 1.59
C VAL A 285 -6.59 -19.19 1.09
N ARG A 286 -6.26 -19.04 -0.19
CA ARG A 286 -5.13 -19.75 -0.75
C ARG A 286 -3.81 -19.29 -0.13
N ILE A 287 -3.67 -17.97 0.08
CA ILE A 287 -2.45 -17.46 0.71
C ILE A 287 -2.35 -17.95 2.14
N SER A 288 -3.46 -17.94 2.88
CA SER A 288 -3.45 -18.45 4.25
C SER A 288 -3.06 -19.92 4.29
N GLU A 289 -3.57 -20.71 3.35
CA GLU A 289 -3.20 -22.13 3.29
C GLU A 289 -1.72 -22.31 2.97
N ILE A 290 -1.18 -21.51 2.04
CA ILE A 290 0.22 -21.60 1.70
C ILE A 290 1.09 -21.24 2.90
N LEU A 291 0.74 -20.16 3.60
CA LEU A 291 1.50 -19.76 4.78
C LEU A 291 1.43 -20.82 5.87
N LEU A 292 0.25 -21.39 6.11
CA LEU A 292 0.12 -22.43 7.12
C LEU A 292 0.89 -23.69 6.75
N ASP A 293 0.95 -24.01 5.46
CA ASP A 293 1.75 -25.15 5.02
C ASP A 293 3.25 -24.86 5.10
N HIS A 294 3.65 -23.60 5.02
CA HIS A 294 5.05 -23.24 5.18
C HIS A 294 5.44 -22.99 6.64
N GLY A 295 4.51 -23.16 7.58
CA GLY A 295 4.82 -23.03 8.99
C GLY A 295 4.41 -21.73 9.64
N ALA A 296 3.34 -21.09 9.20
CA ALA A 296 2.89 -19.88 9.84
C ALA A 296 2.24 -20.22 11.19
N PRO A 297 2.54 -19.45 12.24
CA PRO A 297 1.88 -19.66 13.54
C PRO A 297 0.43 -19.20 13.48
N ILE A 298 -0.50 -20.15 13.69
CA ILE A 298 -1.92 -19.84 13.59
C ILE A 298 -2.47 -19.17 14.85
N GLN A 299 -1.71 -19.19 15.95
CA GLN A 299 -2.13 -18.55 17.18
C GLN A 299 -1.35 -17.27 17.47
N ALA A 300 -0.76 -16.67 16.43
CA ALA A 300 -0.06 -15.41 16.60
C ALA A 300 -1.04 -14.31 16.97
N LYS A 301 -0.64 -13.47 17.92
CA LYS A 301 -1.51 -12.42 18.45
C LYS A 301 -0.90 -11.06 18.17
N THR A 302 -1.75 -10.09 17.84
CA THR A 302 -1.30 -8.72 17.65
C THR A 302 -1.14 -8.04 19.01
N LYS A 303 -0.96 -6.71 18.98
CA LYS A 303 -0.83 -5.97 20.24
C LYS A 303 -2.14 -5.98 21.01
N ASN A 304 -3.27 -6.09 20.32
CA ASN A 304 -4.57 -6.15 20.96
C ASN A 304 -5.02 -7.57 21.25
N GLY A 305 -4.18 -8.56 21.01
CA GLY A 305 -4.52 -9.94 21.28
C GLY A 305 -5.29 -10.65 20.18
N LEU A 306 -5.49 -10.02 19.02
CA LEU A 306 -6.25 -10.65 17.96
C LEU A 306 -5.42 -11.73 17.27
N SER A 307 -6.05 -12.88 17.06
CA SER A 307 -5.52 -13.98 16.28
C SER A 307 -5.98 -13.86 14.83
N PRO A 308 -5.39 -14.63 13.92
CA PRO A 308 -5.88 -14.57 12.52
C PRO A 308 -7.35 -14.93 12.36
N ILE A 309 -7.89 -15.81 13.22
CA ILE A 309 -9.32 -16.11 13.11
C ILE A 309 -10.17 -14.93 13.55
N HIS A 310 -9.66 -14.11 14.49
CA HIS A 310 -10.35 -12.86 14.82
C HIS A 310 -10.39 -11.93 13.61
N MET A 311 -9.28 -11.83 12.88
CA MET A 311 -9.25 -11.01 11.68
C MET A 311 -10.20 -11.54 10.61
N ALA A 312 -10.25 -12.86 10.43
CA ALA A 312 -11.13 -13.43 9.42
C ALA A 312 -12.60 -13.26 9.79
N ALA A 313 -12.94 -13.40 11.08
CA ALA A 313 -14.31 -13.19 11.51
C ALA A 313 -14.70 -11.72 11.41
N GLN A 314 -13.73 -10.83 11.63
CA GLN A 314 -14.00 -9.39 11.57
C GLN A 314 -14.37 -8.94 10.17
N GLY A 315 -13.75 -9.54 9.16
CA GLY A 315 -13.98 -9.18 7.78
C GLY A 315 -15.04 -9.97 7.05
N ASP A 316 -15.81 -10.80 7.76
CA ASP A 316 -16.84 -11.65 7.17
C ASP A 316 -16.26 -12.58 6.12
N HIS A 317 -15.09 -13.15 6.42
CA HIS A 317 -14.41 -14.05 5.49
C HIS A 317 -14.70 -15.49 5.91
N LEU A 318 -15.79 -16.03 5.36
CA LEU A 318 -16.32 -17.30 5.82
C LEU A 318 -15.38 -18.46 5.52
N ASP A 319 -14.90 -18.55 4.28
CA ASP A 319 -14.01 -19.64 3.91
C ASP A 319 -12.67 -19.55 4.61
N CYS A 320 -12.21 -18.34 4.91
CA CYS A 320 -10.98 -18.19 5.68
C CYS A 320 -11.15 -18.70 7.10
N VAL A 321 -12.31 -18.43 7.71
CA VAL A 321 -12.60 -18.98 9.03
C VAL A 321 -12.65 -20.51 8.97
N ARG A 322 -13.29 -21.05 7.92
CA ARG A 322 -13.33 -22.51 7.75
C ARG A 322 -11.93 -23.09 7.64
N LEU A 323 -11.07 -22.45 6.83
CA LEU A 323 -9.72 -22.96 6.63
C LEU A 323 -8.91 -22.89 7.92
N LEU A 324 -9.03 -21.79 8.67
CA LEU A 324 -8.30 -21.67 9.93
C LEU A 324 -8.77 -22.71 10.94
N LEU A 325 -10.09 -22.92 11.03
CA LEU A 325 -10.60 -23.97 11.92
C LEU A 325 -10.15 -25.36 11.48
N GLN A 326 -9.97 -25.56 10.17
CA GLN A 326 -9.45 -26.83 9.67
C GLN A 326 -8.00 -27.05 10.09
N TYR A 327 -7.24 -25.97 10.29
CA TYR A 327 -5.84 -26.04 10.68
C TYR A 327 -5.65 -25.89 12.19
N ASP A 328 -6.61 -26.37 12.97
CA ASP A 328 -6.51 -26.47 14.43
C ASP A 328 -6.35 -25.10 15.10
N ALA A 329 -7.08 -24.11 14.59
CA ALA A 329 -7.13 -22.82 15.28
C ALA A 329 -8.04 -22.93 16.51
N GLU A 330 -7.67 -22.19 17.55
CA GLU A 330 -8.49 -22.15 18.76
C GLU A 330 -9.78 -21.41 18.47
N ILE A 331 -10.90 -22.12 18.60
CA ILE A 331 -12.20 -21.54 18.26
C ILE A 331 -12.67 -20.54 19.31
N ASP A 332 -12.11 -20.57 20.52
CA ASP A 332 -12.47 -19.66 21.59
C ASP A 332 -11.27 -18.87 22.08
N ASP A 333 -10.38 -18.52 21.15
CA ASP A 333 -9.27 -17.64 21.48
C ASP A 333 -9.80 -16.26 21.86
N ILE A 334 -9.18 -15.65 22.85
CA ILE A 334 -9.67 -14.40 23.43
C ILE A 334 -8.65 -13.31 23.21
N THR A 335 -9.15 -12.11 22.89
CA THR A 335 -8.31 -10.92 22.80
C THR A 335 -8.05 -10.35 24.20
N LEU A 336 -7.50 -9.15 24.25
CA LEU A 336 -7.26 -8.50 25.52
C LEU A 336 -8.56 -8.16 26.23
N ASP A 337 -9.61 -7.86 25.47
CA ASP A 337 -10.95 -7.63 26.00
C ASP A 337 -11.74 -8.92 26.17
N HIS A 338 -11.06 -10.07 26.05
CA HIS A 338 -11.69 -11.40 26.15
C HIS A 338 -12.79 -11.59 25.13
N LEU A 339 -12.59 -11.08 23.92
CA LEU A 339 -13.56 -11.25 22.83
C LEU A 339 -13.18 -12.48 22.02
N THR A 340 -14.07 -13.46 22.00
CA THR A 340 -13.94 -14.63 21.15
C THR A 340 -14.27 -14.25 19.71
N PRO A 341 -13.89 -15.11 18.74
CA PRO A 341 -14.36 -14.88 17.36
C PRO A 341 -15.88 -14.83 17.25
N LEU A 342 -16.59 -15.57 18.10
CA LEU A 342 -18.04 -15.45 18.15
C LEU A 342 -18.48 -14.06 18.61
N HIS A 343 -17.76 -13.48 19.58
CA HIS A 343 -18.02 -12.11 19.98
C HIS A 343 -17.83 -11.14 18.84
N VAL A 344 -16.76 -11.32 18.06
CA VAL A 344 -16.49 -10.45 16.92
C VAL A 344 -17.58 -10.60 15.87
N ALA A 345 -18.00 -11.84 15.59
CA ALA A 345 -19.06 -12.07 14.62
C ALA A 345 -20.37 -11.45 15.07
N ALA A 346 -20.68 -11.53 16.36
CA ALA A 346 -21.89 -10.89 16.88
C ALA A 346 -21.80 -9.38 16.81
N HIS A 347 -20.62 -8.82 17.06
CA HIS A 347 -20.45 -7.37 17.01
C HIS A 347 -20.57 -6.84 15.59
N CYS A 348 -20.06 -7.59 14.61
CA CYS A 348 -20.10 -7.15 13.23
C CYS A 348 -21.34 -7.61 12.48
N GLY A 349 -22.18 -8.43 13.10
CA GLY A 349 -23.39 -8.89 12.44
C GLY A 349 -23.21 -9.99 11.44
N HIS A 350 -22.06 -10.66 11.45
CA HIS A 350 -21.76 -11.72 10.49
C HIS A 350 -22.34 -13.02 11.00
N HIS A 351 -23.59 -13.28 10.62
CA HIS A 351 -24.30 -14.45 11.12
C HIS A 351 -23.79 -15.73 10.47
N ARG A 352 -23.23 -15.63 9.26
CA ARG A 352 -22.66 -16.82 8.62
C ARG A 352 -21.41 -17.28 9.34
N VAL A 353 -20.53 -16.35 9.69
CA VAL A 353 -19.34 -16.68 10.48
C VAL A 353 -19.74 -17.22 11.84
N ALA A 354 -20.77 -16.62 12.46
CA ALA A 354 -21.25 -17.10 13.74
C ALA A 354 -21.79 -18.51 13.63
N LYS A 355 -22.51 -18.81 12.56
CA LYS A 355 -23.05 -20.15 12.37
C LYS A 355 -21.94 -21.17 12.17
N VAL A 356 -20.91 -20.82 11.39
CA VAL A 356 -19.78 -21.72 11.19
C VAL A 356 -19.05 -21.97 12.50
N LEU A 357 -18.86 -20.92 13.30
CA LEU A 357 -18.21 -21.08 14.60
C LEU A 357 -19.05 -21.94 15.55
N LEU A 358 -20.36 -21.71 15.58
CA LEU A 358 -21.22 -22.43 16.51
C LEU A 358 -21.36 -23.90 16.12
N ASP A 359 -21.37 -24.20 14.82
CA ASP A 359 -21.47 -25.58 14.38
C ASP A 359 -20.23 -26.39 14.75
N LYS A 360 -19.09 -25.74 15.00
CA LYS A 360 -17.87 -26.43 15.34
C LYS A 360 -17.52 -26.35 16.82
N GLY A 361 -18.44 -25.90 17.67
CA GLY A 361 -18.28 -26.00 19.10
C GLY A 361 -17.89 -24.73 19.84
N ALA A 362 -18.00 -23.57 19.21
CA ALA A 362 -17.75 -22.32 19.93
C ALA A 362 -18.82 -22.12 21.00
N LYS A 363 -18.37 -21.71 22.18
CA LYS A 363 -19.28 -21.58 23.31
C LYS A 363 -20.19 -20.37 23.12
N PRO A 364 -21.51 -20.56 23.10
CA PRO A 364 -22.40 -19.40 22.87
C PRO A 364 -22.46 -18.44 24.04
N ASN A 365 -22.10 -18.87 25.24
CA ASN A 365 -22.17 -18.05 26.44
C ASN A 365 -20.79 -17.61 26.93
N SER A 366 -19.86 -17.33 26.01
CA SER A 366 -18.56 -16.84 26.41
C SER A 366 -18.67 -15.44 27.00
N ARG A 367 -17.86 -15.15 28.00
CA ARG A 367 -17.93 -13.89 28.74
C ARG A 367 -16.75 -13.00 28.38
N ALA A 368 -17.05 -11.75 28.07
CA ALA A 368 -16.02 -10.74 27.85
C ALA A 368 -15.60 -10.14 29.18
N LEU A 369 -14.88 -9.01 29.14
CA LEU A 369 -14.41 -8.39 30.37
C LEU A 369 -15.57 -7.92 31.24
N ASN A 370 -16.59 -7.33 30.63
CA ASN A 370 -17.75 -6.82 31.35
C ASN A 370 -18.87 -7.84 31.43
N GLY A 371 -18.58 -9.13 31.24
CA GLY A 371 -19.59 -10.16 31.32
C GLY A 371 -20.52 -10.24 30.14
N PHE A 372 -20.24 -9.51 29.06
CA PHE A 372 -21.09 -9.56 27.89
C PHE A 372 -20.91 -10.87 27.13
N THR A 373 -22.03 -11.49 26.80
CA THR A 373 -22.08 -12.67 25.95
C THR A 373 -22.23 -12.26 24.50
N PRO A 374 -22.02 -13.18 23.55
CA PRO A 374 -22.35 -12.84 22.14
C PRO A 374 -23.81 -12.46 21.95
N LEU A 375 -24.71 -13.01 22.76
CA LEU A 375 -26.13 -12.63 22.69
C LEU A 375 -26.31 -11.17 23.09
N HIS A 376 -25.60 -10.72 24.13
CA HIS A 376 -25.67 -9.32 24.55
C HIS A 376 -25.22 -8.39 23.44
N ILE A 377 -24.11 -8.72 22.78
CA ILE A 377 -23.58 -7.88 21.72
C ILE A 377 -24.49 -7.90 20.50
N ALA A 378 -25.09 -9.06 20.20
CA ALA A 378 -26.04 -9.15 19.10
C ALA A 378 -27.28 -8.30 19.37
N CYS A 379 -27.75 -8.29 20.62
CA CYS A 379 -28.92 -7.48 20.95
C CYS A 379 -28.58 -6.00 21.01
N LYS A 380 -27.32 -5.66 21.30
CA LYS A 380 -26.93 -4.26 21.35
C LYS A 380 -26.88 -3.65 19.96
N LYS A 381 -26.39 -4.40 18.97
CA LYS A 381 -26.11 -3.87 17.65
C LYS A 381 -27.24 -4.13 16.66
N ASN A 382 -28.42 -4.55 17.14
CA ASN A 382 -29.60 -4.79 16.30
C ASN A 382 -29.34 -5.87 15.25
N HIS A 383 -28.54 -6.87 15.60
CA HIS A 383 -28.22 -7.97 14.70
C HIS A 383 -29.13 -9.15 15.03
N VAL A 384 -30.29 -9.17 14.38
CA VAL A 384 -31.34 -10.13 14.74
C VAL A 384 -30.95 -11.55 14.34
N ARG A 385 -30.30 -11.72 13.18
CA ARG A 385 -29.98 -13.06 12.70
C ARG A 385 -28.95 -13.75 13.59
N VAL A 386 -27.95 -13.01 14.06
CA VAL A 386 -26.98 -13.56 15.00
C VAL A 386 -27.68 -13.97 16.29
N MET A 387 -28.63 -13.15 16.75
CA MET A 387 -29.39 -13.50 17.96
C MET A 387 -30.20 -14.77 17.76
N GLU A 388 -30.83 -14.92 16.60
CA GLU A 388 -31.60 -16.13 16.32
C GLU A 388 -30.71 -17.36 16.29
N LEU A 389 -29.54 -17.26 15.65
CA LEU A 389 -28.62 -18.39 15.62
C LEU A 389 -28.11 -18.74 17.01
N LEU A 390 -27.80 -17.73 17.82
CA LEU A 390 -27.32 -17.99 19.17
C LEU A 390 -28.40 -18.64 20.03
N LEU A 391 -29.64 -18.17 19.92
CA LEU A 391 -30.72 -18.76 20.71
C LEU A 391 -31.05 -20.16 20.22
N LYS A 392 -30.84 -20.43 18.93
CA LYS A 392 -30.99 -21.80 18.44
C LYS A 392 -29.87 -22.69 18.96
N THR A 393 -28.67 -22.15 19.12
CA THR A 393 -27.49 -22.92 19.51
C THR A 393 -27.26 -22.92 21.02
N GLY A 394 -28.28 -22.59 21.80
CA GLY A 394 -28.22 -22.76 23.24
C GLY A 394 -27.71 -21.59 24.05
N ALA A 395 -27.68 -20.39 23.49
CA ALA A 395 -27.31 -19.22 24.29
C ALA A 395 -28.38 -18.93 25.33
N SER A 396 -27.94 -18.49 26.50
CA SER A 396 -28.85 -18.20 27.61
C SER A 396 -29.54 -16.87 27.35
N ILE A 397 -30.87 -16.90 27.21
CA ILE A 397 -31.63 -15.68 26.96
C ILE A 397 -31.71 -14.82 28.22
N ASP A 398 -31.53 -15.41 29.40
CA ASP A 398 -31.62 -14.71 30.68
C ASP A 398 -30.26 -14.45 31.29
N ALA A 399 -29.19 -14.58 30.51
CA ALA A 399 -27.85 -14.35 31.03
C ALA A 399 -27.65 -12.88 31.38
N VAL A 400 -26.84 -12.64 32.41
CA VAL A 400 -26.60 -11.30 32.91
C VAL A 400 -25.12 -10.97 32.77
N THR A 401 -24.83 -9.67 32.66
CA THR A 401 -23.47 -9.19 32.62
C THR A 401 -22.95 -9.02 34.05
N GLU A 402 -21.80 -8.37 34.21
CA GLU A 402 -21.30 -8.07 35.55
C GLU A 402 -22.13 -6.99 36.23
N SER A 403 -22.93 -6.24 35.46
CA SER A 403 -23.85 -5.26 36.01
C SER A 403 -25.28 -5.76 36.06
N GLY A 404 -25.51 -7.04 35.75
CA GLY A 404 -26.83 -7.61 35.78
C GLY A 404 -27.67 -7.37 34.56
N LEU A 405 -27.09 -6.85 33.48
CA LEU A 405 -27.85 -6.54 32.26
C LEU A 405 -28.18 -7.83 31.51
N THR A 406 -29.46 -8.05 31.28
CA THR A 406 -29.95 -9.11 30.41
C THR A 406 -29.93 -8.63 28.97
N PRO A 407 -30.03 -9.54 27.99
CA PRO A 407 -30.18 -9.08 26.61
C PRO A 407 -31.41 -8.21 26.39
N LEU A 408 -32.49 -8.46 27.13
CA LEU A 408 -33.65 -7.60 27.07
C LEU A 408 -33.33 -6.20 27.59
N HIS A 409 -32.54 -6.09 28.66
CA HIS A 409 -32.08 -4.79 29.14
C HIS A 409 -31.38 -4.01 28.05
N VAL A 410 -30.41 -4.64 27.38
CA VAL A 410 -29.62 -3.97 26.36
C VAL A 410 -30.50 -3.58 25.17
N ALA A 411 -31.37 -4.50 24.75
CA ALA A 411 -32.24 -4.21 23.61
C ALA A 411 -33.21 -3.08 23.91
N SER A 412 -33.77 -3.05 25.12
CA SER A 412 -34.70 -1.98 25.49
C SER A 412 -33.98 -0.65 25.61
N PHE A 413 -32.77 -0.64 26.17
CA PHE A 413 -32.03 0.60 26.28
C PHE A 413 -31.62 1.14 24.91
N MET A 414 -31.22 0.25 24.00
CA MET A 414 -30.80 0.66 22.67
C MET A 414 -31.98 0.99 21.75
N GLY A 415 -33.20 0.62 22.13
CA GLY A 415 -34.36 0.94 21.33
C GLY A 415 -34.61 0.05 20.13
N HIS A 416 -33.93 -1.09 20.04
CA HIS A 416 -34.09 -2.02 18.93
C HIS A 416 -35.39 -2.78 19.15
N LEU A 417 -36.48 -2.24 18.60
CA LEU A 417 -37.81 -2.82 18.82
C LEU A 417 -37.97 -4.24 18.30
N PRO A 418 -37.53 -4.60 17.08
CA PRO A 418 -37.70 -6.01 16.66
C PRO A 418 -37.00 -7.01 17.55
N ILE A 419 -35.82 -6.68 18.08
CA ILE A 419 -35.13 -7.59 18.98
C ILE A 419 -35.89 -7.72 20.30
N VAL A 420 -36.44 -6.60 20.79
CA VAL A 420 -37.27 -6.64 22.00
C VAL A 420 -38.47 -7.54 21.79
N LYS A 421 -39.14 -7.40 20.64
CA LYS A 421 -40.30 -8.22 20.34
C LYS A 421 -39.93 -9.70 20.23
N ASN A 422 -38.81 -9.99 19.58
CA ASN A 422 -38.37 -11.38 19.44
C ASN A 422 -38.03 -11.99 20.78
N LEU A 423 -37.32 -11.24 21.64
CA LEU A 423 -36.99 -11.75 22.97
C LEU A 423 -38.24 -11.98 23.81
N LEU A 424 -39.21 -11.06 23.72
CA LEU A 424 -40.43 -11.22 24.51
C LEU A 424 -41.30 -12.36 23.99
N GLN A 425 -41.21 -12.66 22.69
CA GLN A 425 -41.98 -13.77 22.14
C GLN A 425 -41.43 -15.13 22.57
N ARG A 426 -40.18 -15.19 23.01
CA ARG A 426 -39.55 -16.44 23.41
C ARG A 426 -39.54 -16.64 24.93
N GLY A 427 -40.25 -15.80 25.68
CA GLY A 427 -40.39 -15.98 27.11
C GLY A 427 -39.41 -15.23 27.98
N ALA A 428 -38.68 -14.26 27.44
CA ALA A 428 -37.79 -13.47 28.28
C ALA A 428 -38.60 -12.64 29.28
N SER A 429 -38.09 -12.55 30.49
CA SER A 429 -38.85 -11.89 31.55
C SER A 429 -38.50 -10.40 31.59
N PRO A 430 -39.48 -9.51 31.42
CA PRO A 430 -39.20 -8.08 31.60
C PRO A 430 -39.06 -7.67 33.05
N ASN A 431 -39.30 -8.60 33.99
CA ASN A 431 -39.23 -8.25 35.40
C ASN A 431 -37.81 -8.33 35.96
N VAL A 432 -36.83 -8.68 35.13
CA VAL A 432 -35.46 -8.75 35.60
C VAL A 432 -34.97 -7.35 36.01
N SER A 433 -33.98 -7.32 36.90
CA SER A 433 -33.47 -6.07 37.45
C SER A 433 -31.95 -6.03 37.35
N ASN A 434 -31.43 -4.81 37.24
CA ASN A 434 -30.00 -4.57 37.13
C ASN A 434 -29.35 -4.55 38.52
N VAL A 435 -28.09 -4.13 38.59
CA VAL A 435 -27.48 -3.86 39.90
C VAL A 435 -28.09 -2.60 40.50
N LYS A 436 -28.63 -1.71 39.67
CA LYS A 436 -29.38 -0.55 40.12
C LYS A 436 -30.86 -0.85 40.28
N VAL A 437 -31.26 -2.13 40.20
CA VAL A 437 -32.61 -2.65 40.38
C VAL A 437 -33.50 -2.24 39.21
N GLU A 438 -32.93 -1.50 38.26
CA GLU A 438 -33.68 -1.02 37.12
C GLU A 438 -34.10 -2.16 36.20
N THR A 439 -35.33 -2.07 35.69
CA THR A 439 -35.89 -3.06 34.80
C THR A 439 -35.70 -2.64 33.35
N PRO A 440 -35.99 -3.51 32.38
CA PRO A 440 -36.00 -3.05 30.97
C PRO A 440 -36.94 -1.89 30.71
N LEU A 441 -38.05 -1.81 31.45
CA LEU A 441 -38.92 -0.65 31.33
C LEU A 441 -38.23 0.62 31.78
N HIS A 442 -37.41 0.54 32.83
CA HIS A 442 -36.62 1.69 33.26
C HIS A 442 -35.66 2.13 32.17
N MET A 443 -35.00 1.17 31.52
CA MET A 443 -34.06 1.50 30.43
C MET A 443 -34.80 2.13 29.25
N ALA A 444 -35.98 1.61 28.92
CA ALA A 444 -36.75 2.18 27.83
C ALA A 444 -37.25 3.58 28.15
N ALA A 445 -37.64 3.83 29.41
CA ALA A 445 -38.12 5.15 29.80
C ALA A 445 -37.00 6.17 29.94
N ARG A 446 -35.80 5.72 30.31
CA ARG A 446 -34.67 6.63 30.44
C ARG A 446 -34.05 7.02 29.10
N ALA A 447 -34.44 6.35 28.02
CA ALA A 447 -33.94 6.66 26.69
C ALA A 447 -35.02 7.13 25.74
N GLY A 448 -36.26 7.25 26.20
CA GLY A 448 -37.34 7.77 25.37
C GLY A 448 -37.75 6.92 24.20
N HIS A 449 -37.86 5.60 24.40
CA HIS A 449 -38.30 4.68 23.36
C HIS A 449 -39.76 4.32 23.66
N THR A 450 -40.68 5.07 23.07
CA THR A 450 -42.09 4.91 23.36
C THR A 450 -42.62 3.56 22.88
N GLU A 451 -42.20 3.13 21.67
CA GLU A 451 -42.69 1.86 21.13
C GLU A 451 -42.15 0.68 21.93
N VAL A 452 -40.87 0.71 22.28
CA VAL A 452 -40.29 -0.36 23.08
C VAL A 452 -40.95 -0.43 24.45
N ALA A 453 -41.16 0.73 25.08
CA ALA A 453 -41.82 0.77 26.38
C ALA A 453 -43.26 0.26 26.28
N LYS A 454 -43.97 0.64 25.23
CA LYS A 454 -45.35 0.18 25.06
C LYS A 454 -45.41 -1.32 24.87
N TYR A 455 -44.50 -1.88 24.08
CA TYR A 455 -44.51 -3.33 23.87
C TYR A 455 -44.11 -4.07 25.13
N LEU A 456 -43.19 -3.50 25.92
CA LEU A 456 -42.85 -4.10 27.22
C LEU A 456 -44.05 -4.07 28.16
N LEU A 457 -44.80 -2.97 28.16
CA LEU A 457 -45.97 -2.86 29.02
C LEU A 457 -47.06 -3.84 28.59
N GLN A 458 -47.20 -4.07 27.28
CA GLN A 458 -48.26 -4.94 26.79
C GLN A 458 -48.03 -6.41 27.11
N ASN A 459 -46.81 -6.81 27.48
CA ASN A 459 -46.52 -8.22 27.70
C ASN A 459 -46.67 -8.63 29.16
N LYS A 460 -45.80 -8.09 30.03
CA LYS A 460 -45.87 -8.46 31.45
C LYS A 460 -45.56 -7.30 32.38
N ALA A 461 -45.58 -6.06 31.89
CA ALA A 461 -45.25 -4.92 32.73
C ALA A 461 -46.17 -3.74 32.43
N GLU B 2 -3.26 13.46 -17.14
CA GLU B 2 -2.30 13.07 -16.11
C GLU B 2 -1.78 11.65 -16.35
N GLU B 3 -2.42 10.68 -15.69
CA GLU B 3 -2.10 9.26 -15.79
C GLU B 3 -0.67 8.95 -15.37
N LEU B 4 -0.06 9.81 -14.56
CA LEU B 4 1.30 9.58 -14.08
C LEU B 4 1.45 9.92 -12.60
N GLN B 5 0.34 9.96 -11.85
CA GLN B 5 0.42 10.26 -10.42
C GLN B 5 1.11 9.15 -9.63
N ASP B 6 1.15 7.93 -10.17
CA ASP B 6 1.80 6.81 -9.48
C ASP B 6 3.31 6.97 -9.37
N ASP B 7 3.90 7.94 -10.08
CA ASP B 7 5.33 8.18 -9.99
C ASP B 7 5.71 9.08 -8.83
N TYR B 8 4.74 9.57 -8.07
CA TYR B 8 5.00 10.51 -6.98
C TYR B 8 4.89 9.81 -5.63
N GLU B 9 5.60 10.37 -4.64
CA GLU B 9 5.70 9.74 -3.33
C GLU B 9 4.34 9.68 -2.63
N ASP B 10 3.56 10.77 -2.69
CA ASP B 10 2.32 10.83 -1.93
C ASP B 10 1.27 9.87 -2.48
N MET B 11 1.09 9.84 -3.81
CA MET B 11 0.12 8.94 -4.40
C MET B 11 0.52 7.48 -4.20
N MET B 12 1.82 7.18 -4.31
CA MET B 12 2.28 5.82 -4.06
C MET B 12 2.07 5.42 -2.60
N GLU B 13 2.30 6.35 -1.68
CA GLU B 13 2.06 6.06 -0.27
C GLU B 13 0.58 5.81 -0.01
N GLU B 14 -0.30 6.59 -0.64
CA GLU B 14 -1.73 6.35 -0.51
C GLU B 14 -2.13 5.01 -1.11
N ASN B 15 -1.52 4.63 -2.24
CA ASN B 15 -1.85 3.36 -2.87
C ASN B 15 -1.38 2.17 -2.03
N LEU B 16 -0.21 2.29 -1.40
CA LEU B 16 0.34 1.17 -0.65
C LEU B 16 -0.47 0.87 0.60
N GLU B 17 -1.22 1.86 1.11
CA GLU B 17 -2.17 1.67 2.21
C GLU B 17 -1.49 1.11 3.46
N GLN B 18 -0.59 1.92 4.02
CA GLN B 18 0.13 1.53 5.22
C GLN B 18 -0.79 1.33 6.42
N GLU B 19 -1.96 1.95 6.41
CA GLU B 19 -2.90 1.80 7.51
C GLU B 19 -3.52 0.40 7.56
N GLU B 20 -3.57 -0.28 6.41
CA GLU B 20 -4.16 -1.61 6.36
C GLU B 20 -3.31 -2.68 7.03
N TYR B 21 -2.08 -2.36 7.42
CA TYR B 21 -1.19 -3.30 8.08
C TYR B 21 -1.13 -3.08 9.59
N GLU B 22 -1.99 -2.23 10.13
CA GLU B 22 -2.01 -1.93 11.55
C GLU B 22 -3.30 -2.44 12.17
N ASP B 23 -3.24 -2.71 13.48
CA ASP B 23 -4.44 -3.06 14.24
C ASP B 23 -5.07 -1.76 14.71
N PRO B 24 -6.26 -1.39 14.23
CA PRO B 24 -6.80 -0.07 14.60
C PRO B 24 -7.12 0.08 16.07
N ASP B 25 -7.97 -0.78 16.61
CA ASP B 25 -8.40 -0.72 18.00
C ASP B 25 -9.22 -1.97 18.31
N ILE B 26 -9.55 -2.13 19.59
CA ILE B 26 -10.41 -3.19 20.07
C ILE B 26 -11.81 -2.60 20.29
N PRO B 27 -12.80 -2.97 19.49
CA PRO B 27 -14.14 -2.39 19.66
C PRO B 27 -14.80 -2.84 20.96
N GLU B 28 -14.93 -1.93 21.92
CA GLU B 28 -15.55 -2.22 23.20
C GLU B 28 -17.01 -1.80 23.21
N SER B 29 -17.28 -0.51 22.95
CA SER B 29 -18.64 0.03 22.86
C SER B 29 -19.41 -0.22 24.15
N GLN B 30 -18.91 0.38 25.23
CA GLN B 30 -19.56 0.26 26.53
C GLN B 30 -20.96 0.89 26.48
N MET B 31 -21.95 0.16 26.97
CA MET B 31 -23.33 0.62 26.89
C MET B 31 -23.64 1.70 27.91
N GLU B 32 -22.83 1.84 28.96
CA GLU B 32 -23.08 2.82 30.01
C GLU B 32 -22.97 4.24 29.46
N GLU B 33 -23.93 5.08 29.83
CA GLU B 33 -23.94 6.47 29.38
C GLU B 33 -23.16 7.36 30.34
#